data_8PQI
#
_entry.id   8PQI
#
_cell.length_a   52.390
_cell.length_b   74.040
_cell.length_c   102.260
_cell.angle_alpha   90.000
_cell.angle_beta   90.000
_cell.angle_gamma   90.000
#
_symmetry.space_group_name_H-M   'P 21 21 21'
#
loop_
_entity.id
_entity.type
_entity.pdbx_description
1 polymer 'Platelet-derived growth factor receptor alpha'
2 non-polymer (1~{S})-~{N}-ethyl-1-(4-fluorophenyl)-1-[2-[4-[6-(1-methylpyrazol-4-yl)pyrrolo[2,1-f][1,2,4]triazin-4-yl]piperazin-1-yl]pyrimidin-5-yl]ethanamine
3 non-polymer DI(HYDROXYETHYL)ETHER
4 water water
#
_entity_poly.entity_id   1
_entity_poly.type   'polypeptide(L)'
_entity_poly.pdbx_seq_one_letter_code
;KQKPRYEIRWRVIESISPDGHEYIYVDPMQLPYDSRWEFPRDGLVLGRVLGSGAFGKVVEGTAYGLSRSQPVMKVAVKML
KPTARSSEKQALMSELKIMTHLGPHLNIVNLLGACTKSGPIYIIIEYCFYGDLVNYLHKNRDSFLSHKKKSMLDSEVKNL
LSDDNSEGLTLLDLLSFTYQVARGMEFLASKNCVHRDLAARNVLLAQGKIVKICDFGLARDIMHDSNYVSKGSTFLPVKW
MAPESIFDNLYTTLSDVWSYGILLWEIFSLGGTPYPGMMVDSTFYNKIKSGYRMAKPDHATSEVYEIMVKCWNSEPEKRP
SFYHLSEIVENLLPGQYKKSYEKIHLDFLKSD
;
_entity_poly.pdbx_strand_id   A
#
# COMPACT_ATOMS: atom_id res chain seq x y z
N PRO A 18 -1.45 10.53 -28.02
CA PRO A 18 -0.09 10.47 -28.56
C PRO A 18 0.12 11.51 -29.67
N ASP A 19 1.04 12.45 -29.43
CA ASP A 19 1.28 13.52 -30.40
C ASP A 19 1.78 12.96 -31.73
N GLY A 20 2.59 11.92 -31.68
CA GLY A 20 3.07 11.28 -32.89
C GLY A 20 3.53 9.87 -32.58
N HIS A 21 3.83 9.14 -33.64
CA HIS A 21 4.38 7.80 -33.50
C HIS A 21 5.69 7.79 -32.72
N GLU A 22 6.40 8.93 -32.68
CA GLU A 22 7.65 9.00 -31.94
C GLU A 22 7.47 8.83 -30.44
N TYR A 23 6.28 9.13 -29.91
CA TYR A 23 6.05 9.16 -28.47
C TYR A 23 5.31 7.90 -28.05
N ILE A 24 6.04 7.01 -27.38
CA ILE A 24 5.55 5.68 -27.03
C ILE A 24 5.30 5.63 -25.52
N TYR A 25 4.35 4.80 -25.13
CA TYR A 25 4.14 4.49 -23.72
C TYR A 25 5.09 3.37 -23.31
N VAL A 26 5.84 3.59 -22.22
CA VAL A 26 6.86 2.65 -21.76
C VAL A 26 6.19 1.65 -20.83
N ASP A 27 5.88 0.47 -21.37
CA ASP A 27 5.20 -0.57 -20.59
C ASP A 27 6.22 -1.31 -19.72
N PRO A 28 6.08 -1.28 -18.40
CA PRO A 28 7.05 -2.00 -17.55
C PRO A 28 7.08 -3.49 -17.77
N MET A 29 5.98 -4.09 -18.26
CA MET A 29 5.99 -5.53 -18.53
C MET A 29 6.93 -5.87 -19.67
N GLN A 30 7.13 -4.95 -20.62
CA GLN A 30 8.01 -5.17 -21.76
C GLN A 30 9.48 -4.96 -21.43
N LEU A 31 9.78 -4.38 -20.28
CA LEU A 31 11.17 -4.01 -19.99
C LEU A 31 11.97 -5.23 -19.53
N PRO A 32 13.24 -5.30 -19.90
CA PRO A 32 14.06 -6.44 -19.46
C PRO A 32 14.26 -6.45 -17.96
N TYR A 33 14.53 -7.64 -17.44
CA TYR A 33 14.77 -7.83 -16.02
C TYR A 33 16.25 -7.61 -15.72
N ASP A 34 16.54 -6.64 -14.86
CA ASP A 34 17.91 -6.36 -14.45
C ASP A 34 18.36 -7.44 -13.48
N SER A 35 19.39 -8.21 -13.88
CA SER A 35 19.87 -9.31 -13.05
C SER A 35 20.61 -8.85 -11.81
N ARG A 36 20.81 -7.54 -11.61
CA ARG A 36 21.35 -7.07 -10.35
C ARG A 36 20.38 -7.28 -9.19
N TRP A 37 19.12 -7.61 -9.48
CA TRP A 37 18.18 -8.01 -8.44
C TRP A 37 18.32 -9.48 -8.08
N GLU A 38 18.93 -10.28 -8.93
CA GLU A 38 18.98 -11.72 -8.72
C GLU A 38 19.80 -12.04 -7.48
N PHE A 39 19.24 -12.89 -6.61
CA PHE A 39 19.87 -13.32 -5.37
C PHE A 39 19.90 -14.84 -5.35
N PRO A 40 21.02 -15.46 -4.97
CA PRO A 40 21.10 -16.92 -5.00
C PRO A 40 20.12 -17.54 -4.01
N ARG A 41 19.48 -18.63 -4.44
CA ARG A 41 18.42 -19.23 -3.64
C ARG A 41 18.94 -19.79 -2.33
N ASP A 42 20.21 -20.19 -2.29
CA ASP A 42 20.79 -20.81 -1.11
C ASP A 42 21.38 -19.79 -0.13
N GLY A 43 21.19 -18.50 -0.38
CA GLY A 43 21.54 -17.49 0.59
C GLY A 43 20.31 -17.02 1.35
N LEU A 44 19.26 -17.84 1.31
CA LEU A 44 17.95 -17.47 1.83
C LEU A 44 17.42 -18.58 2.71
N VAL A 45 17.09 -18.25 3.96
CA VAL A 45 16.51 -19.19 4.91
C VAL A 45 15.07 -18.78 5.16
N LEU A 46 14.14 -19.68 4.91
CA LEU A 46 12.71 -19.39 4.99
C LEU A 46 12.21 -19.68 6.40
N GLY A 47 11.59 -18.67 7.02
CA GLY A 47 11.14 -18.80 8.39
C GLY A 47 9.63 -18.84 8.53
N ARG A 48 9.11 -18.17 9.55
CA ARG A 48 7.71 -18.29 9.90
C ARG A 48 6.83 -17.55 8.90
N VAL A 49 5.58 -18.01 8.77
CA VAL A 49 4.63 -17.38 7.86
C VAL A 49 4.25 -16.01 8.39
N LEU A 50 4.29 -15.01 7.51
CA LEU A 50 3.81 -13.66 7.83
C LEU A 50 2.40 -13.41 7.34
N GLY A 51 2.08 -13.90 6.14
CA GLY A 51 0.71 -13.87 5.64
C GLY A 51 0.52 -15.04 4.70
N SER A 52 -0.74 -15.50 4.59
CA SER A 52 -1.03 -16.69 3.81
C SER A 52 -2.37 -16.55 3.11
N GLY A 53 -2.46 -17.20 1.95
CA GLY A 53 -3.67 -17.19 1.16
C GLY A 53 -3.96 -18.57 0.58
N ALA A 54 -4.90 -18.62 -0.35
CA ALA A 54 -5.28 -19.91 -0.93
C ALA A 54 -4.14 -20.48 -1.78
N PHE A 55 -3.42 -19.63 -2.52
CA PHE A 55 -2.36 -20.09 -3.39
C PHE A 55 -1.08 -19.26 -3.27
N GLY A 56 -0.88 -18.58 -2.15
CA GLY A 56 0.32 -17.78 -1.97
C GLY A 56 0.53 -17.45 -0.52
N LYS A 57 1.73 -16.99 -0.21
CA LYS A 57 2.09 -16.68 1.16
C LYS A 57 3.32 -15.78 1.19
N VAL A 58 3.48 -15.06 2.29
CA VAL A 58 4.69 -14.31 2.59
C VAL A 58 5.29 -14.88 3.86
N VAL A 59 6.57 -15.23 3.80
CA VAL A 59 7.28 -15.78 4.95
C VAL A 59 8.35 -14.80 5.38
N GLU A 60 8.79 -14.95 6.62
CA GLU A 60 9.96 -14.22 7.10
C GLU A 60 11.22 -14.96 6.66
N GLY A 61 12.27 -14.21 6.34
CA GLY A 61 13.48 -14.80 5.80
C GLY A 61 14.72 -14.15 6.36
N THR A 62 15.83 -14.87 6.22
CA THR A 62 17.16 -14.38 6.57
C THR A 62 18.04 -14.48 5.33
N ALA A 63 18.61 -13.36 4.90
CA ALA A 63 19.38 -13.27 3.67
C ALA A 63 20.86 -13.08 4.00
N TYR A 64 21.69 -14.02 3.54
CA TYR A 64 23.13 -14.00 3.81
C TYR A 64 23.84 -13.39 2.60
N GLY A 65 24.47 -12.24 2.81
CA GLY A 65 25.19 -11.60 1.72
C GLY A 65 24.35 -10.78 0.78
N LEU A 66 23.14 -10.41 1.19
CA LEU A 66 22.33 -9.49 0.39
C LEU A 66 22.74 -8.04 0.59
N SER A 67 23.15 -7.68 1.80
CA SER A 67 23.58 -6.32 2.12
C SER A 67 25.01 -6.34 2.64
N ARG A 68 25.83 -5.39 2.17
CA ARG A 68 27.16 -5.24 2.73
C ARG A 68 27.08 -4.69 4.15
N SER A 69 26.17 -3.76 4.40
CA SER A 69 26.01 -3.21 5.75
C SER A 69 25.49 -4.27 6.71
N GLN A 70 24.67 -5.20 6.21
CA GLN A 70 24.07 -6.25 7.03
C GLN A 70 24.28 -7.58 6.33
N PRO A 71 25.43 -8.23 6.55
CA PRO A 71 25.69 -9.52 5.90
C PRO A 71 24.64 -10.58 6.22
N VAL A 72 24.02 -10.53 7.39
CA VAL A 72 22.95 -11.45 7.77
C VAL A 72 21.79 -10.59 8.21
N MET A 73 20.81 -10.40 7.33
CA MET A 73 19.76 -9.41 7.53
C MET A 73 18.39 -10.06 7.39
N LYS A 74 17.49 -9.70 8.32
CA LYS A 74 16.13 -10.22 8.26
C LYS A 74 15.36 -9.55 7.14
N VAL A 75 14.58 -10.36 6.40
CA VAL A 75 13.78 -9.89 5.28
C VAL A 75 12.46 -10.66 5.29
N ALA A 76 11.59 -10.30 4.35
CA ALA A 76 10.36 -11.04 4.09
C ALA A 76 10.37 -11.53 2.64
N VAL A 77 9.77 -12.69 2.42
CA VAL A 77 9.83 -13.36 1.12
C VAL A 77 8.40 -13.66 0.66
N LYS A 78 8.00 -13.08 -0.47
CA LYS A 78 6.72 -13.38 -1.10
C LYS A 78 6.89 -14.52 -2.09
N MET A 79 6.06 -15.55 -1.96
CA MET A 79 6.21 -16.75 -2.78
C MET A 79 4.86 -17.42 -2.95
N LEU A 80 4.74 -18.20 -4.02
CA LEU A 80 3.53 -18.96 -4.29
C LEU A 80 3.60 -20.33 -3.65
N LYS A 81 2.43 -20.85 -3.29
CA LYS A 81 2.34 -22.23 -2.84
C LYS A 81 2.29 -23.16 -4.04
N PRO A 82 2.62 -24.45 -3.84
CA PRO A 82 2.48 -25.41 -4.94
C PRO A 82 1.04 -25.52 -5.43
N THR A 83 0.10 -25.07 -4.60
CA THR A 83 -1.29 -25.00 -5.02
C THR A 83 -1.48 -23.97 -6.15
N ALA A 84 -0.62 -22.95 -6.23
CA ALA A 84 -0.75 -21.95 -7.28
C ALA A 84 -0.64 -22.61 -8.66
N ARG A 85 -1.33 -22.02 -9.65
CA ARG A 85 -1.44 -22.67 -10.97
C ARG A 85 -1.43 -21.59 -12.05
N SER A 86 -0.22 -21.18 -12.45
CA SER A 86 0.03 -20.40 -13.66
C SER A 86 -0.61 -19.02 -13.64
N SER A 87 -1.93 -18.95 -13.42
CA SER A 87 -2.61 -17.64 -13.42
C SER A 87 -2.02 -16.73 -12.34
N GLU A 88 -1.83 -17.26 -11.14
CA GLU A 88 -1.14 -16.50 -10.10
C GLU A 88 0.36 -16.43 -10.35
N LYS A 89 0.91 -17.40 -11.08
CA LYS A 89 2.34 -17.40 -11.35
C LYS A 89 2.72 -16.28 -12.31
N GLN A 90 1.94 -16.08 -13.37
CA GLN A 90 2.22 -15.01 -14.31
C GLN A 90 2.11 -13.64 -13.64
N ALA A 91 1.18 -13.50 -12.69
CA ALA A 91 0.99 -12.21 -12.04
C ALA A 91 2.14 -11.89 -11.09
N LEU A 92 2.64 -12.90 -10.38
CA LEU A 92 3.77 -12.67 -9.48
C LEU A 92 4.99 -12.17 -10.24
N MET A 93 5.19 -12.68 -11.46
CA MET A 93 6.23 -12.14 -12.33
C MET A 93 5.92 -10.70 -12.73
N SER A 94 4.64 -10.40 -12.97
CA SER A 94 4.25 -9.03 -13.30
C SER A 94 4.42 -8.10 -12.11
N GLU A 95 4.07 -8.57 -10.91
CA GLU A 95 4.28 -7.75 -9.72
C GLU A 95 5.75 -7.40 -9.55
N LEU A 96 6.65 -8.28 -9.97
CA LEU A 96 8.08 -8.00 -9.86
C LEU A 96 8.51 -6.95 -10.87
N LYS A 97 7.94 -6.98 -12.07
CA LYS A 97 8.31 -5.99 -13.08
C LYS A 97 7.92 -4.58 -12.66
N ILE A 98 6.76 -4.45 -12.00
CA ILE A 98 6.33 -3.14 -11.53
C ILE A 98 7.26 -2.62 -10.45
N MET A 99 7.66 -3.48 -9.52
CA MET A 99 8.48 -3.03 -8.40
C MET A 99 9.90 -2.71 -8.84
N THR A 100 10.40 -3.37 -9.89
CA THR A 100 11.74 -3.05 -10.40
C THR A 100 11.73 -1.70 -11.12
N HIS A 101 10.68 -1.41 -11.87
CA HIS A 101 10.61 -0.16 -12.62
C HIS A 101 10.17 1.02 -11.76
N LEU A 102 9.58 0.75 -10.59
CA LEU A 102 9.09 1.84 -9.75
C LEU A 102 10.23 2.67 -9.18
N GLY A 103 11.30 2.02 -8.75
CA GLY A 103 12.33 2.69 -7.99
C GLY A 103 11.98 2.67 -6.51
N PRO A 104 12.91 3.11 -5.66
CA PRO A 104 12.68 3.07 -4.21
C PRO A 104 11.98 4.31 -3.70
N HIS A 105 11.37 4.17 -2.53
CA HIS A 105 10.79 5.29 -1.81
C HIS A 105 10.69 4.93 -0.34
N LEU A 106 10.74 5.96 0.51
CA LEU A 106 10.78 5.76 1.95
C LEU A 106 9.54 5.03 2.46
N ASN A 107 8.38 5.27 1.85
CA ASN A 107 7.11 4.78 2.36
C ASN A 107 6.54 3.64 1.53
N ILE A 108 7.41 2.88 0.85
CA ILE A 108 7.05 1.67 0.14
C ILE A 108 7.90 0.54 0.67
N VAL A 109 7.30 -0.62 0.90
CA VAL A 109 8.12 -1.78 1.22
C VAL A 109 8.97 -2.03 -0.03
N ASN A 110 10.26 -1.73 0.07
CA ASN A 110 11.08 -1.71 -1.13
C ASN A 110 11.59 -3.10 -1.47
N LEU A 111 11.76 -3.33 -2.76
CA LEU A 111 12.28 -4.60 -3.23
C LEU A 111 13.77 -4.68 -2.94
N LEU A 112 14.21 -5.81 -2.41
CA LEU A 112 15.62 -6.05 -2.10
C LEU A 112 16.29 -6.98 -3.08
N GLY A 113 15.57 -7.99 -3.57
CA GLY A 113 16.11 -8.94 -4.52
C GLY A 113 15.03 -9.91 -4.92
N ALA A 114 15.41 -10.86 -5.77
CA ALA A 114 14.47 -11.86 -6.24
C ALA A 114 15.22 -13.12 -6.61
N CYS A 115 14.50 -14.24 -6.59
CA CYS A 115 14.98 -15.54 -7.02
C CYS A 115 14.11 -15.95 -8.20
N THR A 116 14.55 -15.62 -9.41
CA THR A 116 13.74 -15.81 -10.61
C THR A 116 14.20 -16.99 -11.47
N LYS A 117 15.45 -17.42 -11.33
CA LYS A 117 15.98 -18.49 -12.15
C LYS A 117 15.84 -19.83 -11.46
N SER A 118 15.71 -20.88 -12.27
CA SER A 118 15.83 -22.28 -11.86
C SER A 118 14.77 -22.71 -10.84
N GLY A 119 13.62 -22.05 -10.80
CA GLY A 119 12.56 -22.46 -9.90
C GLY A 119 11.51 -21.40 -9.68
N PRO A 120 10.65 -21.62 -8.67
CA PRO A 120 9.56 -20.67 -8.40
C PRO A 120 10.09 -19.28 -8.11
N ILE A 121 9.24 -18.29 -8.37
CA ILE A 121 9.61 -16.90 -8.19
C ILE A 121 9.57 -16.56 -6.70
N TYR A 122 10.65 -15.98 -6.20
CA TYR A 122 10.71 -15.43 -4.84
C TYR A 122 10.93 -13.94 -4.95
N ILE A 123 10.08 -13.15 -4.29
CA ILE A 123 10.26 -11.71 -4.18
C ILE A 123 10.69 -11.40 -2.77
N ILE A 124 11.80 -10.67 -2.64
CA ILE A 124 12.42 -10.38 -1.36
C ILE A 124 12.21 -8.90 -1.06
N ILE A 125 11.55 -8.61 0.07
CA ILE A 125 11.21 -7.24 0.43
C ILE A 125 11.67 -6.97 1.85
N GLU A 126 11.68 -5.68 2.20
CA GLU A 126 12.03 -5.26 3.55
C GLU A 126 11.15 -5.95 4.58
N TYR A 127 11.74 -6.33 5.70
CA TYR A 127 10.96 -6.75 6.84
C TYR A 127 10.56 -5.53 7.66
N CYS A 128 9.28 -5.47 8.04
CA CYS A 128 8.73 -4.35 8.79
C CYS A 128 8.42 -4.83 10.21
N PHE A 129 9.05 -4.17 11.19
CA PHE A 129 9.16 -4.73 12.54
C PHE A 129 7.79 -4.92 13.20
N TYR A 130 6.89 -3.94 13.05
CA TYR A 130 5.66 -3.93 13.83
C TYR A 130 4.47 -4.57 13.12
N GLY A 131 4.57 -4.86 11.83
CA GLY A 131 3.49 -5.52 11.13
C GLY A 131 2.49 -4.57 10.50
N ASP A 132 1.30 -5.10 10.22
CA ASP A 132 0.28 -4.33 9.53
C ASP A 132 -0.45 -3.41 10.48
N LEU A 133 -1.03 -2.34 9.91
CA LEU A 133 -1.64 -1.29 10.72
C LEU A 133 -2.90 -1.78 11.43
N VAL A 134 -3.61 -2.75 10.85
CA VAL A 134 -4.85 -3.25 11.45
C VAL A 134 -4.53 -3.87 12.82
N ASN A 135 -3.61 -4.83 12.84
CA ASN A 135 -3.24 -5.48 14.10
C ASN A 135 -2.46 -4.54 15.01
N TYR A 136 -1.69 -3.62 14.45
CA TYR A 136 -0.92 -2.70 15.28
C TYR A 136 -1.85 -1.81 16.12
N LEU A 137 -2.97 -1.39 15.55
CA LEU A 137 -3.89 -0.51 16.26
C LEU A 137 -4.76 -1.29 17.25
N HIS A 138 -5.11 -2.54 16.92
CA HIS A 138 -5.86 -3.37 17.87
C HIS A 138 -5.07 -3.56 19.16
N LYS A 139 -3.76 -3.75 19.05
CA LYS A 139 -2.93 -3.86 20.25
C LYS A 139 -2.98 -2.58 21.08
N ASN A 140 -2.77 -1.43 20.44
CA ASN A 140 -2.63 -0.16 21.12
C ASN A 140 -3.95 0.57 21.33
N ARG A 141 -5.07 -0.16 21.41
CA ARG A 141 -6.34 0.49 21.71
C ARG A 141 -6.33 1.09 23.11
N ASP A 142 -5.96 0.28 24.12
CA ASP A 142 -6.00 0.75 25.50
C ASP A 142 -4.99 1.86 25.74
N SER A 143 -3.86 1.84 25.01
CA SER A 143 -2.90 2.93 25.13
C SER A 143 -3.54 4.27 24.77
N PHE A 144 -4.36 4.28 23.72
CA PHE A 144 -5.09 5.48 23.32
C PHE A 144 -6.10 5.84 24.41
N LEU A 145 -5.87 6.96 25.10
CA LEU A 145 -6.72 7.41 26.20
C LEU A 145 -6.85 6.35 27.28
N GLY A 168 3.23 5.97 24.80
CA GLY A 168 2.08 5.29 24.24
C GLY A 168 1.64 5.87 22.91
N LEU A 169 0.60 5.28 22.34
CA LEU A 169 0.09 5.70 21.04
C LEU A 169 -0.81 6.92 21.22
N THR A 170 -0.48 8.02 20.54
CA THR A 170 -1.22 9.27 20.63
C THR A 170 -1.97 9.54 19.33
N LEU A 171 -2.72 10.64 19.31
CA LEU A 171 -3.38 11.08 18.09
C LEU A 171 -2.37 11.60 17.08
N LEU A 172 -1.27 12.18 17.55
CA LEU A 172 -0.22 12.65 16.66
C LEU A 172 0.39 11.50 15.86
N ASP A 173 0.49 10.32 16.46
CA ASP A 173 0.96 9.15 15.72
C ASP A 173 0.06 8.85 14.53
N LEU A 174 -1.26 8.85 14.76
CA LEU A 174 -2.19 8.55 13.68
C LEU A 174 -2.08 9.56 12.54
N LEU A 175 -1.78 10.82 12.88
CA LEU A 175 -1.58 11.82 11.85
C LEU A 175 -0.28 11.57 11.07
N SER A 176 0.75 11.08 11.76
CA SER A 176 1.99 10.72 11.08
C SER A 176 1.78 9.56 10.12
N PHE A 177 1.02 8.55 10.53
CA PHE A 177 0.65 7.47 9.62
C PHE A 177 -0.13 8.02 8.44
N THR A 178 -1.09 8.92 8.71
CA THR A 178 -1.90 9.51 7.66
C THR A 178 -1.04 10.28 6.66
N TYR A 179 -0.04 11.01 7.15
CA TYR A 179 0.80 11.81 6.27
C TYR A 179 1.69 10.94 5.39
N GLN A 180 2.30 9.91 5.97
CA GLN A 180 3.29 9.12 5.22
C GLN A 180 2.63 8.33 4.09
N VAL A 181 1.44 7.76 4.34
CA VAL A 181 0.71 7.09 3.28
C VAL A 181 0.46 8.05 2.12
N ALA A 182 0.10 9.30 2.44
CA ALA A 182 -0.16 10.27 1.39
C ALA A 182 1.08 10.53 0.55
N ARG A 183 2.26 10.54 1.19
CA ARG A 183 3.49 10.73 0.43
C ARG A 183 3.79 9.52 -0.44
N GLY A 184 3.60 8.32 0.09
CA GLY A 184 3.86 7.12 -0.69
C GLY A 184 2.92 6.97 -1.87
N MET A 185 1.65 7.32 -1.69
CA MET A 185 0.71 7.29 -2.80
C MET A 185 1.02 8.38 -3.81
N GLU A 186 1.49 9.54 -3.35
CA GLU A 186 2.01 10.56 -4.25
C GLU A 186 3.12 10.00 -5.12
N PHE A 187 3.97 9.14 -4.55
CA PHE A 187 5.05 8.53 -5.32
C PHE A 187 4.50 7.55 -6.35
N LEU A 188 3.56 6.68 -5.93
CA LEU A 188 2.93 5.76 -6.87
C LEU A 188 2.26 6.52 -8.01
N ALA A 189 1.48 7.55 -7.67
CA ALA A 189 0.76 8.31 -8.69
C ALA A 189 1.72 9.01 -9.64
N SER A 190 2.86 9.49 -9.14
CA SER A 190 3.85 10.12 -10.01
C SER A 190 4.45 9.14 -11.00
N LYS A 191 4.44 7.84 -10.68
CA LYS A 191 4.88 6.80 -11.60
C LYS A 191 3.72 6.19 -12.38
N ASN A 192 2.57 6.87 -12.39
CA ASN A 192 1.37 6.40 -13.08
C ASN A 192 0.96 5.00 -12.63
N CYS A 193 1.21 4.70 -11.35
CA CYS A 193 0.94 3.39 -10.79
C CYS A 193 -0.31 3.45 -9.93
N VAL A 194 -1.28 2.58 -10.24
CA VAL A 194 -2.55 2.52 -9.54
C VAL A 194 -2.53 1.30 -8.63
N HIS A 195 -2.63 1.53 -7.31
CA HIS A 195 -2.46 0.44 -6.35
C HIS A 195 -3.64 -0.53 -6.37
N ARG A 196 -4.86 0.01 -6.43
CA ARG A 196 -6.13 -0.73 -6.54
C ARG A 196 -6.44 -1.58 -5.31
N ASP A 197 -5.62 -1.54 -4.27
CA ASP A 197 -5.94 -2.26 -3.04
C ASP A 197 -5.32 -1.54 -1.84
N LEU A 198 -5.48 -0.22 -1.80
CA LEU A 198 -5.03 0.53 -0.64
C LEU A 198 -5.98 0.30 0.53
N ALA A 199 -5.40 0.02 1.70
CA ALA A 199 -6.15 -0.29 2.91
C ALA A 199 -5.16 -0.35 4.06
N ALA A 200 -5.71 -0.52 5.28
CA ALA A 200 -4.87 -0.58 6.47
C ALA A 200 -4.13 -1.91 6.58
N ARG A 201 -4.69 -3.00 6.05
CA ARG A 201 -3.98 -4.27 6.08
C ARG A 201 -2.74 -4.24 5.20
N ASN A 202 -2.74 -3.43 4.15
CA ASN A 202 -1.60 -3.30 3.26
C ASN A 202 -0.76 -2.07 3.56
N VAL A 203 -0.82 -1.59 4.80
CA VAL A 203 0.09 -0.55 5.30
C VAL A 203 0.85 -1.16 6.48
N LEU A 204 2.18 -1.16 6.39
CA LEU A 204 3.03 -1.77 7.38
C LEU A 204 3.84 -0.71 8.11
N LEU A 205 4.30 -1.05 9.31
CA LEU A 205 5.02 -0.14 10.18
C LEU A 205 6.40 -0.71 10.47
N ALA A 206 7.44 0.03 10.10
CA ALA A 206 8.82 -0.42 10.19
C ALA A 206 9.54 0.29 11.33
N GLN A 207 10.84 0.04 11.43
CA GLN A 207 11.65 0.62 12.51
C GLN A 207 11.64 2.14 12.42
N GLY A 208 11.50 2.79 13.57
CA GLY A 208 11.38 4.24 13.60
C GLY A 208 10.00 4.75 13.27
N LYS A 209 8.98 3.88 13.30
CA LYS A 209 7.60 4.25 13.01
C LYS A 209 7.48 4.86 11.60
N ILE A 210 8.11 4.22 10.64
CA ILE A 210 8.07 4.64 9.25
C ILE A 210 7.03 3.81 8.51
N VAL A 211 6.04 4.48 7.93
CA VAL A 211 4.94 3.81 7.25
C VAL A 211 5.40 3.35 5.88
N LYS A 212 5.05 2.11 5.51
CA LYS A 212 5.43 1.55 4.22
C LYS A 212 4.23 0.83 3.60
N ILE A 213 3.93 1.15 2.34
CA ILE A 213 2.82 0.57 1.59
C ILE A 213 3.32 -0.69 0.90
N CYS A 214 2.50 -1.75 0.92
CA CYS A 214 2.92 -3.06 0.44
C CYS A 214 1.86 -3.65 -0.48
N ASP A 215 2.16 -4.84 -1.00
CA ASP A 215 1.25 -5.65 -1.80
C ASP A 215 0.85 -4.97 -3.10
N PHE A 216 1.65 -5.17 -4.15
CA PHE A 216 1.37 -4.63 -5.48
C PHE A 216 0.82 -5.70 -6.43
N GLY A 217 0.15 -6.71 -5.89
CA GLY A 217 -0.39 -7.78 -6.72
C GLY A 217 -1.51 -7.33 -7.64
N LEU A 218 -2.28 -6.33 -7.20
CA LEU A 218 -3.32 -5.73 -8.03
C LEU A 218 -2.87 -4.47 -8.73
N ALA A 219 -1.64 -4.02 -8.47
CA ALA A 219 -1.16 -2.75 -9.02
C ALA A 219 -1.11 -2.80 -10.54
N ARG A 220 -1.75 -1.83 -11.17
CA ARG A 220 -1.73 -1.67 -12.62
C ARG A 220 -1.00 -0.39 -12.97
N ASP A 221 -0.24 -0.41 -14.06
CA ASP A 221 0.16 0.81 -14.72
C ASP A 221 -1.04 1.34 -15.49
N ILE A 222 -1.26 2.65 -15.42
CA ILE A 222 -2.52 3.21 -15.90
C ILE A 222 -2.65 2.95 -17.40
N MET A 223 -3.83 2.50 -17.81
CA MET A 223 -4.09 2.11 -19.20
C MET A 223 -3.06 1.10 -19.69
N THR A 234 -11.31 -11.28 -10.12
CA THR A 234 -11.31 -12.28 -9.06
C THR A 234 -12.19 -11.82 -7.90
N PHE A 235 -11.62 -11.84 -6.70
CA PHE A 235 -12.28 -11.30 -5.51
C PHE A 235 -11.74 -9.91 -5.26
N LEU A 236 -12.64 -8.94 -5.06
CA LEU A 236 -12.27 -7.55 -4.98
C LEU A 236 -12.60 -6.95 -3.62
N PRO A 237 -11.78 -5.99 -3.15
CA PRO A 237 -12.04 -5.32 -1.85
C PRO A 237 -13.03 -4.17 -2.00
N VAL A 238 -14.31 -4.53 -2.11
CA VAL A 238 -15.32 -3.57 -2.55
C VAL A 238 -15.51 -2.46 -1.52
N LYS A 239 -15.33 -2.75 -0.23
CA LYS A 239 -15.53 -1.74 0.79
C LYS A 239 -14.47 -0.65 0.74
N TRP A 240 -13.40 -0.86 -0.04
CA TRP A 240 -12.38 0.15 -0.27
C TRP A 240 -12.42 0.72 -1.68
N MET A 241 -13.37 0.28 -2.50
CA MET A 241 -13.39 0.61 -3.93
C MET A 241 -14.35 1.75 -4.23
N ALA A 242 -13.93 2.63 -5.13
CA ALA A 242 -14.79 3.72 -5.57
C ALA A 242 -15.94 3.19 -6.42
N PRO A 243 -17.07 3.90 -6.47
CA PRO A 243 -18.20 3.41 -7.27
C PRO A 243 -17.85 3.14 -8.73
N GLU A 244 -17.09 4.04 -9.37
CA GLU A 244 -16.72 3.83 -10.76
C GLU A 244 -15.82 2.62 -10.93
N SER A 245 -15.10 2.25 -9.87
CA SER A 245 -14.33 1.01 -9.89
C SER A 245 -15.26 -0.20 -9.79
N ILE A 246 -16.18 -0.19 -8.84
CA ILE A 246 -17.12 -1.30 -8.69
C ILE A 246 -17.98 -1.44 -9.95
N PHE A 247 -18.55 -0.33 -10.41
CA PHE A 247 -19.58 -0.37 -11.43
C PHE A 247 -19.02 -0.33 -12.85
N ASP A 248 -17.93 0.40 -13.08
CA ASP A 248 -17.42 0.60 -14.43
C ASP A 248 -16.01 0.05 -14.62
N ASN A 249 -15.51 -0.75 -13.68
CA ASN A 249 -14.17 -1.35 -13.78
C ASN A 249 -13.10 -0.31 -14.05
N LEU A 250 -13.33 0.92 -13.59
CA LEU A 250 -12.43 2.04 -13.85
C LEU A 250 -11.57 2.28 -12.61
N TYR A 251 -10.26 2.04 -12.75
CA TYR A 251 -9.30 2.24 -11.68
C TYR A 251 -8.32 3.34 -12.08
N THR A 252 -8.32 4.44 -11.33
CA THR A 252 -7.39 5.53 -11.53
C THR A 252 -6.69 5.83 -10.21
N THR A 253 -5.70 6.72 -10.27
CA THR A 253 -5.15 7.31 -9.05
C THR A 253 -6.24 8.01 -8.25
N LEU A 254 -7.31 8.44 -8.92
CA LEU A 254 -8.43 9.08 -8.24
C LEU A 254 -9.26 8.06 -7.46
N SER A 255 -9.31 6.81 -7.92
CA SER A 255 -9.99 5.77 -7.15
C SER A 255 -9.13 5.24 -6.01
N ASP A 256 -7.81 5.41 -6.10
CA ASP A 256 -6.95 5.19 -4.93
C ASP A 256 -7.28 6.20 -3.83
N VAL A 257 -7.59 7.43 -4.22
CA VAL A 257 -7.92 8.47 -3.23
C VAL A 257 -9.18 8.10 -2.47
N TRP A 258 -10.16 7.50 -3.15
CA TRP A 258 -11.33 6.98 -2.44
C TRP A 258 -10.91 5.95 -1.41
N SER A 259 -10.08 4.98 -1.82
CA SER A 259 -9.57 3.98 -0.89
C SER A 259 -8.76 4.62 0.22
N TYR A 260 -8.03 5.70 -0.08
CA TYR A 260 -7.31 6.43 0.96
C TYR A 260 -8.25 6.96 2.02
N GLY A 261 -9.45 7.41 1.60
CA GLY A 261 -10.44 7.82 2.57
C GLY A 261 -10.87 6.69 3.48
N ILE A 262 -11.13 5.51 2.90
CA ILE A 262 -11.51 4.35 3.70
C ILE A 262 -10.38 3.97 4.66
N LEU A 263 -9.13 4.08 4.19
CA LEU A 263 -7.99 3.83 5.07
C LEU A 263 -7.95 4.83 6.21
N LEU A 264 -8.27 6.09 5.92
CA LEU A 264 -8.32 7.11 6.96
C LEU A 264 -9.33 6.74 8.04
N TRP A 265 -10.50 6.24 7.62
CA TRP A 265 -11.51 5.80 8.58
C TRP A 265 -10.98 4.64 9.43
N GLU A 266 -10.27 3.70 8.81
CA GLU A 266 -9.69 2.59 9.56
C GLU A 266 -8.74 3.09 10.64
N ILE A 267 -7.88 4.04 10.30
CA ILE A 267 -6.85 4.50 11.23
C ILE A 267 -7.49 5.17 12.44
N PHE A 268 -8.46 6.05 12.20
CA PHE A 268 -9.06 6.83 13.26
C PHE A 268 -10.23 6.14 13.94
N SER A 269 -10.61 4.95 13.48
CA SER A 269 -11.41 4.02 14.26
C SER A 269 -10.54 3.00 14.98
N LEU A 270 -9.22 3.18 14.93
CA LEU A 270 -8.26 2.28 15.58
C LEU A 270 -8.45 0.85 15.11
N GLY A 271 -8.57 0.69 13.79
CA GLY A 271 -8.66 -0.62 13.20
C GLY A 271 -10.05 -1.18 13.05
N GLY A 272 -11.03 -0.31 12.76
CA GLY A 272 -12.39 -0.77 12.63
C GLY A 272 -12.72 -1.26 11.24
N THR A 273 -13.78 -2.07 11.15
CA THR A 273 -14.24 -2.58 9.87
C THR A 273 -15.08 -1.53 9.16
N PRO A 274 -14.72 -1.14 7.93
CA PRO A 274 -15.53 -0.15 7.21
C PRO A 274 -16.95 -0.67 6.99
N TYR A 275 -17.91 0.25 7.09
CA TYR A 275 -19.33 -0.07 6.98
C TYR A 275 -19.70 -1.22 7.93
N PRO A 276 -19.48 -1.07 9.22
CA PRO A 276 -19.62 -2.22 10.12
C PRO A 276 -21.08 -2.67 10.23
N GLY A 277 -21.29 -3.97 10.15
CA GLY A 277 -22.61 -4.56 10.19
C GLY A 277 -23.31 -4.63 8.85
N MET A 278 -22.74 -4.04 7.81
CA MET A 278 -23.37 -3.98 6.51
C MET A 278 -22.82 -5.09 5.61
N MET A 279 -23.70 -5.98 5.17
CA MET A 279 -23.35 -6.95 4.14
C MET A 279 -23.37 -6.27 2.78
N VAL A 280 -22.43 -6.65 1.92
CA VAL A 280 -22.37 -6.09 0.57
C VAL A 280 -23.39 -6.82 -0.29
N ASP A 281 -24.50 -6.15 -0.60
CA ASP A 281 -25.55 -6.72 -1.43
C ASP A 281 -26.09 -5.61 -2.32
N SER A 282 -27.20 -5.91 -3.01
CA SER A 282 -27.82 -4.93 -3.90
C SER A 282 -28.19 -3.66 -3.15
N THR A 283 -28.62 -3.80 -1.90
CA THR A 283 -28.94 -2.62 -1.09
C THR A 283 -27.68 -1.83 -0.75
N PHE A 284 -26.56 -2.53 -0.51
CA PHE A 284 -25.32 -1.81 -0.22
C PHE A 284 -24.84 -1.03 -1.44
N TYR A 285 -24.93 -1.64 -2.63
CA TYR A 285 -24.56 -0.96 -3.85
C TYR A 285 -25.49 0.22 -4.13
N ASN A 286 -26.76 0.12 -3.74
CA ASN A 286 -27.69 1.23 -3.93
C ASN A 286 -27.34 2.39 -3.01
N LYS A 287 -26.95 2.10 -1.77
CA LYS A 287 -26.57 3.16 -0.84
C LYS A 287 -25.30 3.87 -1.30
N ILE A 288 -24.28 3.09 -1.67
CA ILE A 288 -23.01 3.69 -2.13
C ILE A 288 -23.25 4.58 -3.34
N LYS A 289 -24.11 4.12 -4.28
CA LYS A 289 -24.36 4.88 -5.50
C LYS A 289 -25.22 6.10 -5.23
N SER A 290 -26.20 5.99 -4.33
CA SER A 290 -27.04 7.13 -3.98
C SER A 290 -26.22 8.25 -3.35
N GLY A 291 -25.29 7.89 -2.47
CA GLY A 291 -24.41 8.86 -1.85
C GLY A 291 -24.09 8.56 -0.40
N TYR A 292 -24.44 7.36 0.06
CA TYR A 292 -24.18 6.99 1.44
C TYR A 292 -22.69 6.99 1.73
N ARG A 293 -22.32 7.59 2.86
CA ARG A 293 -20.96 7.54 3.37
C ARG A 293 -21.01 7.09 4.82
N MET A 294 -19.85 6.77 5.36
CA MET A 294 -19.76 6.40 6.76
C MET A 294 -19.78 7.63 7.66
N ALA A 295 -20.33 7.47 8.85
CA ALA A 295 -20.27 8.53 9.85
C ALA A 295 -18.85 8.68 10.36
N LYS A 296 -18.58 9.82 10.98
CA LYS A 296 -17.24 10.09 11.50
C LYS A 296 -16.88 9.07 12.57
N PRO A 297 -15.67 8.52 12.54
CA PRO A 297 -15.26 7.57 13.57
C PRO A 297 -15.04 8.27 14.90
N ASP A 298 -14.78 7.45 15.91
CA ASP A 298 -14.84 7.92 17.29
C ASP A 298 -13.79 8.99 17.59
N HIS A 299 -12.57 8.82 17.06
CA HIS A 299 -11.47 9.65 17.49
C HIS A 299 -10.99 10.65 16.45
N ALA A 300 -11.63 10.72 15.29
CA ALA A 300 -11.21 11.67 14.28
C ALA A 300 -11.78 13.05 14.57
N THR A 301 -10.98 14.08 14.24
CA THR A 301 -11.45 15.45 14.40
C THR A 301 -12.31 15.85 13.20
N SER A 302 -12.87 17.06 13.28
CA SER A 302 -13.63 17.59 12.15
C SER A 302 -12.73 17.77 10.92
N GLU A 303 -11.52 18.27 11.13
CA GLU A 303 -10.60 18.48 10.02
C GLU A 303 -10.22 17.16 9.35
N VAL A 304 -10.14 16.08 10.13
CA VAL A 304 -9.77 14.79 9.56
C VAL A 304 -10.95 14.14 8.85
N TYR A 305 -12.14 14.23 9.44
CA TYR A 305 -13.33 13.75 8.74
C TYR A 305 -13.58 14.54 7.46
N GLU A 306 -13.23 15.82 7.46
CA GLU A 306 -13.36 16.65 6.27
C GLU A 306 -12.53 16.10 5.12
N ILE A 307 -11.39 15.46 5.44
CA ILE A 307 -10.54 14.89 4.40
C ILE A 307 -11.18 13.65 3.80
N MET A 308 -11.76 12.78 4.64
CA MET A 308 -12.46 11.62 4.12
C MET A 308 -13.63 12.03 3.22
N VAL A 309 -14.34 13.09 3.59
CA VAL A 309 -15.49 13.55 2.82
C VAL A 309 -15.07 13.95 1.41
N LYS A 310 -13.97 14.71 1.32
CA LYS A 310 -13.45 15.07 0.00
C LYS A 310 -12.99 13.85 -0.77
N CYS A 311 -12.38 12.88 -0.06
CA CYS A 311 -11.90 11.67 -0.72
C CYS A 311 -13.04 10.83 -1.27
N TRP A 312 -14.22 10.94 -0.68
CA TRP A 312 -15.38 10.15 -1.09
C TRP A 312 -16.31 10.90 -2.01
N ASN A 313 -15.84 11.97 -2.64
CA ASN A 313 -16.67 12.72 -3.58
C ASN A 313 -17.09 11.82 -4.73
N SER A 314 -18.35 11.94 -5.14
CA SER A 314 -18.89 11.03 -6.15
C SER A 314 -18.30 11.31 -7.53
N GLU A 315 -17.92 12.55 -7.81
CA GLU A 315 -17.25 12.89 -9.05
C GLU A 315 -15.75 12.67 -8.87
N PRO A 316 -15.14 11.70 -9.56
CA PRO A 316 -13.73 11.37 -9.28
C PRO A 316 -12.78 12.54 -9.37
N GLU A 317 -13.05 13.53 -10.22
CA GLU A 317 -12.15 14.66 -10.39
C GLU A 317 -12.27 15.71 -9.30
N LYS A 318 -13.34 15.65 -8.50
CA LYS A 318 -13.46 16.54 -7.34
C LYS A 318 -12.70 16.04 -6.12
N ARG A 319 -12.17 14.82 -6.16
CA ARG A 319 -11.35 14.33 -5.06
C ARG A 319 -9.96 14.98 -5.13
N PRO A 320 -9.34 15.26 -3.99
CA PRO A 320 -8.06 15.97 -4.01
C PRO A 320 -6.92 15.06 -4.43
N SER A 321 -5.84 15.68 -4.88
CA SER A 321 -4.64 14.95 -5.24
C SER A 321 -3.91 14.50 -3.97
N PHE A 322 -3.08 13.46 -4.12
CA PHE A 322 -2.24 13.04 -3.03
C PHE A 322 -1.20 14.10 -2.67
N TYR A 323 -0.86 14.97 -3.62
CA TYR A 323 -0.01 16.12 -3.29
C TYR A 323 -0.74 17.09 -2.37
N HIS A 324 -1.97 17.47 -2.73
CA HIS A 324 -2.76 18.36 -1.90
CA HIS A 324 -2.75 18.37 -1.89
C HIS A 324 -3.16 17.69 -0.58
N LEU A 325 -3.35 16.37 -0.60
CA LEU A 325 -3.64 15.66 0.64
C LEU A 325 -2.44 15.72 1.59
N SER A 326 -1.23 15.63 1.05
CA SER A 326 -0.04 15.76 1.89
C SER A 326 0.09 17.18 2.43
N GLU A 327 -0.29 18.18 1.64
CA GLU A 327 -0.25 19.57 2.11
C GLU A 327 -1.23 19.79 3.25
N ILE A 328 -2.43 19.22 3.15
CA ILE A 328 -3.45 19.43 4.17
C ILE A 328 -3.02 18.80 5.48
N VAL A 329 -2.57 17.55 5.44
CA VAL A 329 -2.14 16.87 6.67
C VAL A 329 -0.90 17.55 7.25
N GLU A 330 -0.08 18.18 6.40
CA GLU A 330 1.11 18.87 6.90
C GLU A 330 0.73 20.03 7.81
N ASN A 331 -0.38 20.71 7.52
CA ASN A 331 -0.85 21.77 8.41
C ASN A 331 -1.20 21.22 9.78
N LEU A 332 -1.80 20.03 9.83
CA LEU A 332 -2.35 19.45 11.05
C LEU A 332 -1.28 18.82 11.93
N LEU A 333 -0.01 18.95 11.58
CA LEU A 333 1.11 18.40 12.32
C LEU A 333 2.08 19.50 12.72
N PRO A 334 2.95 19.25 13.70
CA PRO A 334 3.94 20.27 14.07
C PRO A 334 4.85 20.62 12.90
N GLY A 335 5.45 21.81 12.99
CA GLY A 335 6.46 22.20 12.01
C GLY A 335 7.76 21.46 12.18
N GLN A 336 8.05 21.03 13.42
CA GLN A 336 9.20 20.18 13.66
C GLN A 336 9.07 18.87 12.89
N TYR A 337 7.84 18.37 12.75
CA TYR A 337 7.61 17.12 12.04
C TYR A 337 8.05 17.22 10.58
N LYS A 338 7.70 18.33 9.91
CA LYS A 338 7.99 18.47 8.48
C LYS A 338 9.49 18.41 8.22
N LYS A 339 10.27 19.16 9.00
CA LYS A 339 11.72 19.08 8.87
C LYS A 339 12.25 17.72 9.31
N SER A 340 11.61 17.10 10.32
CA SER A 340 12.02 15.78 10.77
C SER A 340 11.76 14.70 9.73
N TYR A 341 10.83 14.94 8.80
CA TYR A 341 10.51 13.93 7.79
C TYR A 341 11.46 14.04 6.60
N GLU A 342 11.70 15.26 6.11
CA GLU A 342 12.60 15.43 4.97
C GLU A 342 14.03 15.03 5.31
N LYS A 343 14.40 15.07 6.59
CA LYS A 343 15.72 14.57 6.99
C LYS A 343 15.78 13.05 6.91
N ILE A 344 14.70 12.37 7.32
CA ILE A 344 14.62 10.93 7.14
C ILE A 344 14.57 10.57 5.66
N HIS A 345 13.73 11.28 4.90
CA HIS A 345 13.60 11.04 3.47
C HIS A 345 14.92 11.28 2.74
N LEU A 346 15.72 12.24 3.22
CA LEU A 346 16.99 12.56 2.57
C LEU A 346 18.02 11.45 2.81
N ASP A 347 18.16 11.02 4.08
CA ASP A 347 19.18 10.03 4.41
C ASP A 347 18.92 8.70 3.70
N PHE A 348 17.65 8.35 3.49
CA PHE A 348 17.23 7.07 2.95
C PHE A 348 18.02 6.64 1.71
#